data_6I7W
#
_entry.id   6I7W
#
_cell.length_a   78.320
_cell.length_b   108.280
_cell.length_c   113.620
_cell.angle_alpha   90.00
_cell.angle_beta   90.00
_cell.angle_gamma   90.00
#
_symmetry.space_group_name_H-M   'I 2 2 2'
#
loop_
_entity.id
_entity.type
_entity.pdbx_description
1 polymer 'ABC transporter, substrate binding protein (Agrocinopines A and B)'
2 non-polymer 2-O-[(R)-{[(2S)-1,1-dihydroxypropan-2-yl]oxy}(hydroxy)phosphoryl]-beta-D-glucopyranose
3 non-polymer 2-O-[(R)-{[(2S)-1,1-dihydroxypropan-2-yl]oxy}(hydroxy)phosphoryl]-alpha-D-glucopyranose
4 non-polymer 'SODIUM ION'
5 water water
#
_entity_poly.entity_id   1
_entity_poly.type   'polypeptide(L)'
_entity_poly.pdbx_seq_one_letter_code
;MQERRALRLGVNGLPNSLEPVNAISNVGPRIVNQIFDTLIARDFFAKGAPGNAIDLVPALAESWERIDEKSVRFKLRQKV
MFHDGVELTADDVAYTFSSERLWGPEAIKKIPLGKSYSLDFDEPVVEDKYTVTLRTKTPSYLIETFVASWMSRIVPKEYY
KKLGAVDFGNKPVGTGPYKFVEFVAGDRVVLEANDAYWGPKPTASKITYQIVAEPATRVAGLISGEYDIITTLTPDDIQL
INSYPDLETRGTLIENFHMFTFNMNQEVFKDKKLRRALALAVNRPIMVEALWKKQASIPAGFNFPNYGETFDPKRKAMEY
NVEEAKRLVKESGYDGTPITYHTMGNYYANAMPALMMMIEMWKQIGVNVVMKTYAPGSFPPDNQTWMRNWSNGQWMTDAY
ATIVPEFGPNGQVQKRWGWKAPAEFNELCQKVTVLPNGKERFDAYNRMRDIFEEEAPAVILYQPYDVYAARKDVHWKPVS
FEMMEFRNNLSFGHHHHHH
;
_entity_poly.pdbx_strand_id   A
#
loop_
_chem_comp.id
_chem_comp.type
_chem_comp.name
_chem_comp.formula
H6Q D-saccharide, beta linking 2-O-[(R)-{[(2S)-1,1-dihydroxypropan-2-yl]oxy}(hydroxy)phosphoryl]-beta-D-glucopyranose 'C9 H19 O11 P'
H6Z D-saccharide, alpha linking 2-O-[(R)-{[(2S)-1,1-dihydroxypropan-2-yl]oxy}(hydroxy)phosphoryl]-alpha-D-glucopyranose 'C9 H19 O11 P'
NA non-polymer 'SODIUM ION' 'Na 1'
#
# COMPACT_ATOMS: atom_id res chain seq x y z
N GLN A 2 -14.12 3.84 34.83
CA GLN A 2 -12.73 4.05 35.25
C GLN A 2 -11.86 4.57 34.08
N GLU A 3 -10.86 3.79 33.62
CA GLU A 3 -9.96 4.17 32.52
C GLU A 3 -10.66 3.88 31.17
N ARG A 4 -10.13 4.46 30.07
CA ARG A 4 -10.63 4.24 28.70
C ARG A 4 -10.57 2.76 28.34
N ARG A 5 -11.40 2.33 27.38
CA ARG A 5 -11.42 0.97 26.89
C ARG A 5 -10.14 0.69 26.07
N ALA A 6 -9.62 -0.53 26.21
CA ALA A 6 -8.49 -1.02 25.44
C ALA A 6 -9.08 -1.58 24.14
N LEU A 7 -8.45 -1.31 22.99
CA LEU A 7 -8.93 -1.78 21.68
C LEU A 7 -8.21 -3.05 21.28
N ARG A 8 -8.98 -4.09 20.92
CA ARG A 8 -8.45 -5.38 20.53
C ARG A 8 -8.74 -5.64 19.05
N LEU A 9 -7.67 -5.71 18.24
CA LEU A 9 -7.79 -5.94 16.80
C LEU A 9 -7.28 -7.32 16.35
N GLY A 10 -8.12 -8.03 15.59
CA GLY A 10 -7.82 -9.32 14.98
C GLY A 10 -7.45 -9.00 13.54
N VAL A 11 -6.15 -9.11 13.22
CA VAL A 11 -5.63 -8.69 11.90
C VAL A 11 -5.16 -9.89 11.03
N ASN A 12 -5.13 -9.68 9.71
CA ASN A 12 -4.71 -10.70 8.72
C ASN A 12 -3.21 -10.96 8.77
N GLY A 13 -2.44 -9.93 9.13
CA GLY A 13 -0.98 -10.00 9.17
C GLY A 13 -0.33 -8.84 9.88
N LEU A 14 1.01 -8.88 9.99
CA LEU A 14 1.82 -7.86 10.66
C LEU A 14 3.06 -7.53 9.83
N PRO A 15 3.55 -6.27 9.88
CA PRO A 15 4.80 -5.96 9.16
C PRO A 15 5.97 -6.59 9.91
N ASN A 16 7.12 -6.79 9.25
CA ASN A 16 8.30 -7.34 9.93
C ASN A 16 9.10 -6.24 10.67
N SER A 17 8.77 -4.97 10.37
CA SER A 17 9.42 -3.79 10.95
C SER A 17 8.42 -2.66 11.15
N LEU A 18 8.62 -1.84 12.21
CA LEU A 18 7.79 -0.67 12.45
C LEU A 18 8.46 0.63 11.97
N GLU A 19 9.59 0.49 11.23
CA GLU A 19 10.26 1.60 10.54
C GLU A 19 9.21 2.01 9.47
N PRO A 20 8.69 3.26 9.50
CA PRO A 20 7.52 3.58 8.67
C PRO A 20 7.63 3.32 7.16
N VAL A 21 8.78 3.54 6.52
CA VAL A 21 8.89 3.27 5.10
C VAL A 21 8.95 1.75 4.85
N ASN A 22 9.71 1.01 5.69
CA ASN A 22 9.80 -0.46 5.59
C ASN A 22 8.47 -1.16 5.97
N ALA A 23 7.59 -0.47 6.74
CA ALA A 23 6.27 -1.00 7.12
C ALA A 23 5.23 -0.84 5.99
N ILE A 24 5.60 -0.18 4.86
CA ILE A 24 4.67 0.00 3.73
C ILE A 24 4.21 -1.36 3.18
N SER A 25 2.90 -1.62 3.34
CA SER A 25 2.28 -2.90 2.99
C SER A 25 0.78 -2.80 3.29
N ASN A 26 0.03 -3.90 3.15
CA ASN A 26 -1.39 -3.88 3.52
C ASN A 26 -1.58 -3.89 5.04
N VAL A 27 -0.54 -4.28 5.79
CA VAL A 27 -0.61 -4.52 7.25
C VAL A 27 0.17 -3.53 8.14
N GLY A 28 1.17 -2.85 7.58
CA GLY A 28 1.97 -1.90 8.35
C GLY A 28 1.31 -0.57 8.65
N PRO A 29 0.70 0.11 7.63
CA PRO A 29 0.10 1.44 7.86
C PRO A 29 -0.94 1.55 9.00
N ARG A 30 -1.80 0.53 9.20
CA ARG A 30 -2.79 0.56 10.29
C ARG A 30 -2.14 0.68 11.68
N ILE A 31 -0.86 0.32 11.77
CA ILE A 31 -0.07 0.46 13.00
C ILE A 31 0.75 1.75 12.97
N VAL A 32 1.59 1.97 11.94
CA VAL A 32 2.52 3.12 11.90
C VAL A 32 1.78 4.48 11.78
N ASN A 33 0.50 4.48 11.29
CA ASN A 33 -0.36 5.68 11.26
C ASN A 33 -0.65 6.17 12.70
N GLN A 34 -0.59 5.25 13.69
CA GLN A 34 -0.79 5.55 15.12
C GLN A 34 0.47 6.10 15.82
N ILE A 35 1.64 5.55 15.48
CA ILE A 35 2.92 5.91 16.09
C ILE A 35 3.46 7.25 15.53
N PHE A 36 3.19 7.52 14.26
CA PHE A 36 3.73 8.69 13.59
C PHE A 36 2.72 9.65 13.04
N ASP A 37 3.24 10.78 12.56
CA ASP A 37 2.48 11.84 11.91
C ASP A 37 3.26 12.24 10.67
N THR A 38 2.59 12.93 9.76
CA THR A 38 3.18 13.50 8.55
C THR A 38 3.06 15.03 8.63
N LEU A 39 3.75 15.74 7.71
CA LEU A 39 3.71 17.20 7.66
C LEU A 39 2.29 17.69 7.27
N ILE A 40 1.71 17.04 6.27
CA ILE A 40 0.36 17.27 5.72
C ILE A 40 -0.36 15.94 5.86
N ALA A 41 -1.64 15.97 6.27
CA ALA A 41 -2.44 14.76 6.39
C ALA A 41 -3.63 14.81 5.44
N ARG A 42 -4.02 13.66 4.92
CA ARG A 42 -5.22 13.59 4.12
C ARG A 42 -6.41 13.45 5.11
N ASP A 43 -7.44 14.29 4.94
CA ASP A 43 -8.63 14.18 5.81
C ASP A 43 -9.72 13.49 5.00
N PHE A 44 -9.82 12.16 5.19
CA PHE A 44 -10.77 11.30 4.49
C PHE A 44 -12.25 11.65 4.81
N PHE A 45 -12.50 12.36 5.90
CA PHE A 45 -13.86 12.69 6.31
C PHE A 45 -14.20 14.17 6.13
N ALA A 46 -13.41 14.89 5.31
CA ALA A 46 -13.65 16.32 5.07
C ALA A 46 -15.02 16.57 4.41
N LYS A 47 -15.74 17.60 4.90
CA LYS A 47 -17.08 18.01 4.42
C LYS A 47 -18.09 16.84 4.45
N GLY A 48 -18.04 16.05 5.52
CA GLY A 48 -18.91 14.89 5.73
C GLY A 48 -18.76 13.73 4.75
N ALA A 49 -17.59 13.62 4.06
CA ALA A 49 -17.36 12.53 3.11
C ALA A 49 -17.34 11.15 3.81
N PRO A 50 -17.83 10.08 3.13
CA PRO A 50 -17.83 8.77 3.77
C PRO A 50 -16.44 8.08 3.75
N GLY A 51 -15.42 8.73 4.30
CA GLY A 51 -14.07 8.19 4.39
C GLY A 51 -13.27 8.15 3.10
N ASN A 52 -13.68 8.91 2.06
CA ASN A 52 -12.98 8.92 0.78
C ASN A 52 -12.59 10.32 0.28
N ALA A 53 -12.70 11.37 1.11
CA ALA A 53 -12.32 12.73 0.71
C ALA A 53 -10.82 12.78 0.38
N ILE A 54 -10.41 13.60 -0.61
CA ILE A 54 -9.01 13.73 -1.03
C ILE A 54 -8.27 14.92 -0.37
N ASP A 55 -9.03 15.75 0.39
CA ASP A 55 -8.58 16.98 1.05
C ASP A 55 -7.32 16.80 1.88
N LEU A 56 -6.32 17.67 1.65
CA LEU A 56 -5.04 17.68 2.39
C LEU A 56 -5.13 18.82 3.41
N VAL A 57 -4.79 18.54 4.68
CA VAL A 57 -4.86 19.50 5.79
C VAL A 57 -3.53 19.61 6.57
N PRO A 58 -3.28 20.73 7.31
CA PRO A 58 -2.04 20.83 8.11
C PRO A 58 -1.97 19.74 9.18
N ALA A 59 -0.76 19.24 9.41
CA ALA A 59 -0.54 18.25 10.49
C ALA A 59 0.72 18.70 11.25
N LEU A 60 1.89 18.07 11.04
CA LEU A 60 3.13 18.52 11.71
C LEU A 60 3.58 19.86 11.15
N ALA A 61 3.18 20.16 9.90
CA ALA A 61 3.43 21.47 9.33
C ALA A 61 2.14 22.24 9.55
N GLU A 62 2.20 23.35 10.33
CA GLU A 62 1.02 24.19 10.57
C GLU A 62 0.62 24.93 9.28
N SER A 63 1.59 25.16 8.37
CA SER A 63 1.38 25.80 7.06
C SER A 63 2.50 25.41 6.09
N TRP A 64 2.24 25.59 4.77
CA TRP A 64 3.24 25.35 3.73
C TRP A 64 3.00 26.25 2.51
N GLU A 65 4.05 26.41 1.70
CA GLU A 65 3.99 27.22 0.49
C GLU A 65 4.87 26.63 -0.58
N ARG A 66 4.29 26.37 -1.76
CA ARG A 66 5.10 25.93 -2.88
C ARG A 66 5.85 27.19 -3.35
N ILE A 67 7.18 27.10 -3.47
CA ILE A 67 8.01 28.21 -3.91
C ILE A 67 8.03 28.28 -5.44
N ASP A 68 8.34 27.15 -6.07
CA ASP A 68 8.44 27.06 -7.53
C ASP A 68 8.13 25.64 -7.98
N GLU A 69 8.51 25.28 -9.21
CA GLU A 69 8.28 23.95 -9.78
C GLU A 69 9.10 22.83 -9.08
N LYS A 70 10.05 23.22 -8.22
CA LYS A 70 11.03 22.34 -7.60
C LYS A 70 11.03 22.31 -6.08
N SER A 71 10.31 23.23 -5.38
CA SER A 71 10.42 23.30 -3.92
C SER A 71 9.20 23.79 -3.20
N VAL A 72 9.06 23.31 -1.95
CA VAL A 72 7.97 23.60 -1.02
C VAL A 72 8.54 23.88 0.38
N ARG A 73 8.22 25.05 0.95
CA ARG A 73 8.65 25.44 2.30
C ARG A 73 7.56 25.10 3.32
N PHE A 74 7.96 24.45 4.43
CA PHE A 74 7.06 24.05 5.52
C PHE A 74 7.38 24.83 6.80
N LYS A 75 6.32 25.30 7.48
CA LYS A 75 6.40 25.94 8.78
C LYS A 75 5.87 24.91 9.77
N LEU A 76 6.75 24.45 10.65
CA LEU A 76 6.44 23.40 11.61
C LEU A 76 5.71 23.87 12.84
N ARG A 77 4.75 23.04 13.30
CA ARG A 77 4.00 23.26 14.54
C ARG A 77 5.05 23.20 15.66
N GLN A 78 4.99 24.15 16.60
CA GLN A 78 5.96 24.25 17.69
C GLN A 78 5.58 23.47 18.96
N LYS A 79 6.60 23.08 19.74
CA LYS A 79 6.50 22.34 21.00
C LYS A 79 5.85 20.94 20.85
N VAL A 80 5.97 20.35 19.65
CA VAL A 80 5.49 19.00 19.38
C VAL A 80 6.60 18.08 19.92
N MET A 81 6.23 17.08 20.72
CA MET A 81 7.23 16.18 21.26
C MET A 81 7.14 14.76 20.74
N PHE A 82 8.31 14.13 20.51
CA PHE A 82 8.39 12.71 20.18
C PHE A 82 8.06 11.94 21.49
N HIS A 83 7.79 10.62 21.39
CA HIS A 83 7.39 9.80 22.54
C HIS A 83 8.42 9.77 23.69
N ASP A 84 9.71 9.97 23.37
CA ASP A 84 10.81 10.02 24.36
C ASP A 84 11.03 11.45 24.93
N GLY A 85 10.15 12.38 24.57
CA GLY A 85 10.18 13.77 25.03
C GLY A 85 10.98 14.76 24.19
N VAL A 86 11.82 14.27 23.28
CA VAL A 86 12.63 15.10 22.36
C VAL A 86 11.69 15.94 21.48
N GLU A 87 11.89 17.27 21.44
CA GLU A 87 11.05 18.18 20.64
C GLU A 87 11.32 18.05 19.14
N LEU A 88 10.24 18.00 18.34
CA LEU A 88 10.30 17.95 16.88
C LEU A 88 10.86 19.26 16.33
N THR A 89 11.87 19.15 15.47
CA THR A 89 12.49 20.31 14.82
C THR A 89 12.68 20.04 13.33
N ALA A 90 13.09 21.08 12.57
CA ALA A 90 13.38 20.98 11.13
C ALA A 90 14.51 20.00 10.85
N ASP A 91 15.39 19.78 11.86
CA ASP A 91 16.50 18.83 11.79
C ASP A 91 15.96 17.40 11.59
N ASP A 92 14.89 17.03 12.32
CA ASP A 92 14.19 15.73 12.23
C ASP A 92 13.53 15.55 10.87
N VAL A 93 12.94 16.65 10.34
CA VAL A 93 12.29 16.65 9.02
C VAL A 93 13.34 16.48 7.92
N ALA A 94 14.43 17.28 7.97
CA ALA A 94 15.56 17.21 7.03
C ALA A 94 16.13 15.78 6.99
N TYR A 95 16.33 15.17 8.17
CA TYR A 95 16.81 13.79 8.29
C TYR A 95 15.85 12.76 7.64
N THR A 96 14.54 12.88 7.92
CA THR A 96 13.50 12.01 7.33
C THR A 96 13.60 11.98 5.80
N PHE A 97 13.82 13.16 5.17
CA PHE A 97 13.87 13.30 3.71
C PHE A 97 15.30 13.44 3.15
N SER A 98 16.31 12.93 3.89
CA SER A 98 17.72 13.04 3.54
C SER A 98 18.20 11.95 2.59
N SER A 99 19.33 12.23 1.91
CA SER A 99 20.05 11.28 1.07
C SER A 99 20.49 10.10 1.96
N GLU A 100 21.04 10.41 3.15
CA GLU A 100 21.56 9.48 4.14
C GLU A 100 20.54 8.43 4.58
N ARG A 101 19.35 8.87 5.00
CA ARG A 101 18.33 7.96 5.52
C ARG A 101 17.39 7.37 4.46
N LEU A 102 16.98 8.18 3.46
CA LEU A 102 15.91 7.79 2.54
C LEU A 102 16.25 7.51 1.07
N TRP A 103 16.66 8.51 0.28
CA TRP A 103 16.75 8.39 -1.18
C TRP A 103 18.15 8.25 -1.81
N GLY A 104 19.22 8.53 -1.06
CA GLY A 104 20.58 8.43 -1.60
C GLY A 104 21.06 6.99 -1.76
N PRO A 105 22.18 6.75 -2.51
CA PRO A 105 22.70 5.38 -2.66
C PRO A 105 22.97 4.64 -1.34
N GLU A 106 23.40 5.39 -0.31
CA GLU A 106 23.75 4.94 1.03
C GLU A 106 22.55 4.40 1.85
N ALA A 107 21.32 4.82 1.52
CA ALA A 107 20.09 4.43 2.21
C ALA A 107 19.52 3.07 1.78
N ILE A 108 20.00 2.49 0.66
CA ILE A 108 19.50 1.25 0.05
C ILE A 108 19.59 0.04 1.01
N LYS A 109 20.59 -0.02 1.89
CA LYS A 109 20.73 -1.10 2.86
C LYS A 109 19.70 -0.99 4.01
N LYS A 110 19.43 0.25 4.44
CA LYS A 110 18.49 0.57 5.54
C LYS A 110 17.01 0.49 5.11
N ILE A 111 16.67 1.13 3.99
CA ILE A 111 15.31 1.18 3.43
C ILE A 111 15.48 0.77 1.96
N PRO A 112 15.35 -0.56 1.67
CA PRO A 112 15.62 -1.05 0.31
C PRO A 112 14.83 -0.40 -0.84
N LEU A 113 13.62 0.06 -0.55
CA LEU A 113 12.77 0.68 -1.58
C LEU A 113 12.70 2.23 -1.50
N GLY A 114 13.46 2.82 -0.57
CA GLY A 114 13.54 4.26 -0.33
C GLY A 114 13.83 5.10 -1.56
N LYS A 115 14.91 4.77 -2.29
CA LYS A 115 15.33 5.47 -3.51
C LYS A 115 14.29 5.30 -4.63
N SER A 116 13.91 4.03 -4.93
CA SER A 116 12.95 3.70 -5.99
C SER A 116 11.56 4.32 -5.78
N TYR A 117 11.11 4.46 -4.51
CA TYR A 117 9.79 5.07 -4.22
C TYR A 117 9.83 6.61 -4.03
N SER A 118 11.03 7.19 -3.95
CA SER A 118 11.18 8.63 -3.73
C SER A 118 11.17 9.47 -4.99
N LEU A 119 10.87 10.76 -4.83
CA LEU A 119 10.97 11.73 -5.92
C LEU A 119 12.51 11.95 -6.15
N ASP A 120 12.88 12.67 -7.22
CA ASP A 120 14.28 13.00 -7.53
C ASP A 120 14.73 14.15 -6.58
N PHE A 121 14.79 13.84 -5.28
CA PHE A 121 15.06 14.83 -4.24
C PHE A 121 16.46 15.38 -4.27
N ASP A 122 16.59 16.61 -3.78
CA ASP A 122 17.85 17.24 -3.47
C ASP A 122 17.80 17.31 -1.96
N GLU A 123 18.94 17.60 -1.33
CA GLU A 123 19.02 17.70 0.11
C GLU A 123 18.04 18.75 0.66
N PRO A 124 17.25 18.41 1.71
CA PRO A 124 16.38 19.44 2.33
C PRO A 124 17.15 20.67 2.82
N VAL A 125 16.48 21.81 2.88
CA VAL A 125 17.12 23.05 3.35
C VAL A 125 16.48 23.47 4.67
N VAL A 126 17.26 23.44 5.76
CA VAL A 126 16.81 23.88 7.09
C VAL A 126 17.06 25.40 7.16
N GLU A 127 15.99 26.19 7.34
CA GLU A 127 16.10 27.66 7.47
C GLU A 127 16.26 28.06 8.92
N ASP A 128 15.46 27.41 9.80
CA ASP A 128 15.52 27.60 11.25
C ASP A 128 14.91 26.35 11.91
N LYS A 129 14.90 26.31 13.26
CA LYS A 129 14.34 25.23 14.08
C LYS A 129 12.93 24.74 13.61
N TYR A 130 12.09 25.66 13.06
CA TYR A 130 10.72 25.35 12.65
C TYR A 130 10.42 25.61 11.17
N THR A 131 11.47 25.77 10.35
CA THR A 131 11.32 26.01 8.90
C THR A 131 12.23 25.10 8.10
N VAL A 132 11.65 24.35 7.18
CA VAL A 132 12.35 23.41 6.31
C VAL A 132 11.76 23.42 4.91
N THR A 133 12.63 23.44 3.91
CA THR A 133 12.26 23.39 2.51
C THR A 133 12.63 22.01 1.93
N LEU A 134 11.65 21.34 1.30
CA LEU A 134 11.87 20.07 0.60
C LEU A 134 11.92 20.41 -0.86
N ARG A 135 12.93 19.87 -1.56
CA ARG A 135 13.13 20.20 -2.97
C ARG A 135 13.60 19.02 -3.81
N THR A 136 13.39 19.17 -5.10
CA THR A 136 13.80 18.19 -6.10
C THR A 136 14.80 18.82 -7.05
N LYS A 137 15.73 18.01 -7.57
CA LYS A 137 16.80 18.38 -8.51
C LYS A 137 16.21 18.82 -9.86
N THR A 138 15.12 18.16 -10.29
CA THR A 138 14.39 18.39 -11.53
C THR A 138 12.95 18.81 -11.16
N PRO A 139 12.14 19.42 -12.07
CA PRO A 139 10.78 19.79 -11.68
C PRO A 139 9.91 18.63 -11.16
N SER A 140 9.10 18.90 -10.13
CA SER A 140 8.16 17.92 -9.55
C SER A 140 7.01 18.65 -8.95
N TYR A 141 5.81 18.36 -9.47
CA TYR A 141 4.56 18.91 -8.96
C TYR A 141 3.90 17.92 -7.98
N LEU A 142 4.67 16.89 -7.60
CA LEU A 142 4.26 15.78 -6.71
C LEU A 142 4.74 15.89 -5.25
N ILE A 143 5.49 16.96 -4.92
CA ILE A 143 6.04 17.13 -3.57
C ILE A 143 4.95 17.04 -2.50
N GLU A 144 3.83 17.78 -2.69
CA GLU A 144 2.72 17.82 -1.73
C GLU A 144 2.07 16.45 -1.52
N THR A 145 1.70 15.75 -2.63
CA THR A 145 1.07 14.43 -2.50
C THR A 145 2.07 13.43 -1.84
N PHE A 146 3.37 13.54 -2.18
CA PHE A 146 4.41 12.70 -1.58
C PHE A 146 4.50 12.90 -0.06
N VAL A 147 4.54 14.16 0.38
CA VAL A 147 4.67 14.58 1.78
C VAL A 147 3.43 14.14 2.61
N ALA A 148 2.24 14.04 1.99
CA ALA A 148 1.05 13.56 2.70
C ALA A 148 0.98 12.01 2.78
N SER A 149 1.84 11.31 2.03
CA SER A 149 1.81 9.86 1.89
C SER A 149 2.52 9.05 3.00
N TRP A 150 2.40 7.73 2.90
CA TRP A 150 3.03 6.75 3.79
C TRP A 150 4.59 6.69 3.65
N MET A 151 5.16 7.39 2.66
CA MET A 151 6.62 7.50 2.51
C MET A 151 7.18 8.55 3.47
N SER A 152 6.30 9.39 4.03
CA SER A 152 6.69 10.61 4.72
C SER A 152 6.35 10.76 6.20
N ARG A 153 6.22 9.65 6.92
CA ARG A 153 6.03 9.72 8.37
C ARG A 153 7.36 10.23 8.97
N ILE A 154 7.26 11.20 9.91
CA ILE A 154 8.43 11.89 10.48
C ILE A 154 9.11 11.10 11.61
N VAL A 155 10.38 10.72 11.36
CA VAL A 155 11.23 10.00 12.33
C VAL A 155 12.16 10.94 13.15
N PRO A 156 12.49 10.58 14.42
CA PRO A 156 13.39 11.46 15.21
C PRO A 156 14.84 11.22 14.83
N LYS A 157 15.54 12.26 14.37
CA LYS A 157 16.93 12.16 13.89
C LYS A 157 17.91 11.45 14.86
N GLU A 158 18.15 12.00 16.07
CA GLU A 158 19.13 11.47 17.04
C GLU A 158 18.83 10.04 17.49
N TYR A 159 17.57 9.77 17.90
CA TYR A 159 17.15 8.45 18.35
C TYR A 159 17.27 7.39 17.22
N TYR A 160 16.85 7.74 15.98
CA TYR A 160 16.92 6.86 14.79
C TYR A 160 18.39 6.57 14.42
N LYS A 161 19.25 7.61 14.42
CA LYS A 161 20.69 7.47 14.11
C LYS A 161 21.40 6.59 15.15
N LYS A 162 21.09 6.80 16.45
CA LYS A 162 21.66 6.05 17.59
C LYS A 162 21.37 4.55 17.50
N LEU A 163 20.12 4.18 17.17
CA LEU A 163 19.70 2.77 17.10
C LEU A 163 19.97 2.11 15.74
N GLY A 164 19.89 2.89 14.66
CA GLY A 164 20.00 2.37 13.30
C GLY A 164 18.61 1.94 12.84
N ALA A 165 18.38 1.86 11.51
CA ALA A 165 17.07 1.53 10.92
C ALA A 165 16.43 0.20 11.38
N VAL A 166 17.25 -0.82 11.71
CA VAL A 166 16.75 -2.13 12.14
C VAL A 166 16.24 -2.08 13.59
N ASP A 167 17.07 -1.63 14.54
CA ASP A 167 16.70 -1.51 15.96
C ASP A 167 15.56 -0.50 16.15
N PHE A 168 15.55 0.61 15.36
CA PHE A 168 14.45 1.59 15.37
C PHE A 168 13.13 0.87 14.99
N GLY A 169 13.20 0.00 13.98
CA GLY A 169 12.08 -0.81 13.50
C GLY A 169 11.47 -1.71 14.56
N ASN A 170 12.26 -2.08 15.60
CA ASN A 170 11.78 -2.91 16.70
C ASN A 170 11.43 -2.09 17.95
N LYS A 171 11.87 -0.82 18.03
CA LYS A 171 11.59 0.10 19.15
C LYS A 171 11.23 1.50 18.58
N PRO A 172 10.10 1.65 17.85
CA PRO A 172 9.82 2.96 17.22
C PRO A 172 9.42 4.07 18.17
N VAL A 173 9.89 5.28 17.86
CA VAL A 173 9.57 6.52 18.57
C VAL A 173 9.04 7.51 17.49
N GLY A 174 7.82 7.99 17.67
CA GLY A 174 7.20 8.95 16.76
C GLY A 174 6.53 10.07 17.53
N THR A 175 5.73 10.90 16.82
CA THR A 175 4.99 12.01 17.45
C THR A 175 3.49 11.67 17.61
N GLY A 176 3.09 10.51 17.08
CA GLY A 176 1.70 10.04 16.98
C GLY A 176 0.86 9.85 18.24
N PRO A 177 -0.48 9.70 18.05
CA PRO A 177 -1.40 9.54 19.20
C PRO A 177 -1.20 8.28 20.05
N TYR A 178 -0.48 7.28 19.54
CA TYR A 178 -0.20 6.04 20.30
C TYR A 178 1.28 5.73 20.31
N LYS A 179 1.82 5.38 21.49
CA LYS A 179 3.23 5.06 21.63
C LYS A 179 3.46 3.56 21.77
N PHE A 180 4.65 3.11 21.35
CA PHE A 180 5.08 1.72 21.35
C PHE A 180 5.16 1.09 22.75
N VAL A 181 4.64 -0.14 22.87
CA VAL A 181 4.72 -0.93 24.11
C VAL A 181 5.55 -2.17 23.77
N GLU A 182 5.06 -3.03 22.84
CA GLU A 182 5.78 -4.25 22.48
C GLU A 182 5.47 -4.75 21.08
N PHE A 183 6.39 -5.57 20.54
CA PHE A 183 6.31 -6.20 19.22
C PHE A 183 6.87 -7.61 19.32
N VAL A 184 5.99 -8.60 19.20
CA VAL A 184 6.34 -10.00 19.16
C VAL A 184 6.19 -10.36 17.68
N ALA A 185 7.32 -10.50 16.95
CA ALA A 185 7.33 -10.78 15.51
C ALA A 185 6.43 -11.95 15.15
N GLY A 186 5.57 -11.73 14.15
CA GLY A 186 4.61 -12.71 13.67
C GLY A 186 3.51 -13.08 14.65
N ASP A 187 3.30 -12.26 15.71
CA ASP A 187 2.28 -12.53 16.72
C ASP A 187 1.46 -11.30 17.09
N ARG A 188 2.08 -10.27 17.69
CA ARG A 188 1.38 -9.06 18.12
C ARG A 188 2.24 -7.81 18.19
N VAL A 189 1.55 -6.66 18.17
CA VAL A 189 2.07 -5.32 18.35
C VAL A 189 1.09 -4.70 19.35
N VAL A 190 1.63 -4.09 20.40
CA VAL A 190 0.84 -3.42 21.43
C VAL A 190 1.27 -1.96 21.48
N LEU A 191 0.29 -1.06 21.49
CA LEU A 191 0.53 0.39 21.61
C LEU A 191 -0.31 0.92 22.77
N GLU A 192 0.12 2.01 23.40
CA GLU A 192 -0.64 2.65 24.49
C GLU A 192 -0.89 4.12 24.14
N ALA A 193 -1.90 4.73 24.77
CA ALA A 193 -2.26 6.12 24.56
C ALA A 193 -1.10 7.08 24.84
N ASN A 194 -0.86 8.00 23.89
CA ASN A 194 0.13 9.06 24.04
C ASN A 194 -0.71 10.26 24.47
N ASP A 195 -0.79 10.49 25.79
CA ASP A 195 -1.59 11.59 26.31
C ASP A 195 -0.90 12.96 26.19
N ALA A 196 0.36 12.98 25.70
CA ALA A 196 1.12 14.21 25.42
C ALA A 196 0.94 14.60 23.94
N TYR A 197 -0.02 13.95 23.22
CA TYR A 197 -0.28 14.17 21.80
C TYR A 197 -0.72 15.61 21.48
N TRP A 198 -0.14 16.20 20.40
CA TRP A 198 -0.43 17.56 19.94
C TRP A 198 -1.85 17.74 19.34
N GLY A 199 -2.39 16.69 18.72
CA GLY A 199 -3.70 16.72 18.08
C GLY A 199 -4.83 16.11 18.90
N PRO A 200 -5.90 15.60 18.23
CA PRO A 200 -7.02 15.00 19.00
C PRO A 200 -6.52 13.89 19.92
N LYS A 201 -6.79 14.03 21.22
CA LYS A 201 -6.34 13.08 22.24
C LYS A 201 -6.77 11.63 21.96
N PRO A 202 -5.85 10.64 22.16
CA PRO A 202 -6.25 9.22 21.95
C PRO A 202 -7.44 8.79 22.82
N THR A 203 -8.41 8.08 22.24
CA THR A 203 -9.62 7.66 22.95
C THR A 203 -9.53 6.24 23.51
N ALA A 204 -8.56 5.44 23.05
CA ALA A 204 -8.30 4.10 23.56
C ALA A 204 -7.12 4.17 24.54
N SER A 205 -7.13 3.35 25.61
CA SER A 205 -6.04 3.31 26.58
C SER A 205 -4.87 2.52 26.00
N LYS A 206 -5.19 1.54 25.13
CA LYS A 206 -4.25 0.61 24.53
C LYS A 206 -4.83 0.09 23.24
N ILE A 207 -3.97 -0.30 22.30
CA ILE A 207 -4.34 -0.96 21.05
C ILE A 207 -3.47 -2.19 20.88
N THR A 208 -4.09 -3.35 20.66
CA THR A 208 -3.37 -4.59 20.40
C THR A 208 -3.71 -5.07 19.01
N TYR A 209 -2.70 -5.31 18.18
CA TYR A 209 -2.89 -5.86 16.83
C TYR A 209 -2.47 -7.33 16.97
N GLN A 210 -3.45 -8.24 17.03
CA GLN A 210 -3.20 -9.68 17.18
C GLN A 210 -3.35 -10.39 15.86
N ILE A 211 -2.29 -11.06 15.39
CA ILE A 211 -2.38 -11.81 14.13
C ILE A 211 -3.35 -12.99 14.28
N VAL A 212 -4.28 -13.11 13.32
CA VAL A 212 -5.23 -14.22 13.20
C VAL A 212 -5.24 -14.53 11.70
N ALA A 213 -4.25 -15.32 11.23
CA ALA A 213 -4.05 -15.59 9.80
C ALA A 213 -5.27 -16.19 9.08
N GLU A 214 -6.00 -17.12 9.74
CA GLU A 214 -7.17 -17.76 9.14
C GLU A 214 -8.42 -16.86 9.32
N PRO A 215 -9.07 -16.40 8.23
CA PRO A 215 -10.24 -15.52 8.40
C PRO A 215 -11.42 -16.14 9.16
N ALA A 216 -11.63 -17.49 9.09
CA ALA A 216 -12.72 -18.16 9.83
C ALA A 216 -12.50 -18.03 11.35
N THR A 217 -11.23 -18.16 11.79
CA THR A 217 -10.81 -18.01 13.19
C THR A 217 -11.00 -16.53 13.62
N ARG A 218 -10.67 -15.57 12.72
CA ARG A 218 -10.87 -14.14 12.96
C ARG A 218 -12.36 -13.85 13.24
N VAL A 219 -13.27 -14.37 12.36
CA VAL A 219 -14.74 -14.25 12.49
C VAL A 219 -15.24 -14.88 13.82
N ALA A 220 -14.75 -16.08 14.19
CA ALA A 220 -15.12 -16.73 15.46
C ALA A 220 -14.71 -15.85 16.67
N GLY A 221 -13.53 -15.21 16.58
CA GLY A 221 -13.00 -14.31 17.60
C GLY A 221 -13.90 -13.09 17.83
N LEU A 222 -14.47 -12.52 16.75
CA LEU A 222 -15.42 -11.40 16.87
C LEU A 222 -16.75 -11.88 17.50
N ILE A 223 -17.29 -13.01 17.04
CA ILE A 223 -18.52 -13.60 17.57
C ILE A 223 -18.37 -13.93 19.07
N SER A 224 -17.19 -14.44 19.48
CA SER A 224 -16.94 -14.83 20.89
C SER A 224 -16.67 -13.65 21.85
N GLY A 225 -16.37 -12.48 21.32
CA GLY A 225 -16.08 -11.31 22.16
C GLY A 225 -14.61 -11.07 22.44
N GLU A 226 -13.72 -11.80 21.73
CA GLU A 226 -12.27 -11.67 21.87
C GLU A 226 -11.71 -10.41 21.19
N TYR A 227 -12.33 -9.97 20.08
CA TYR A 227 -11.88 -8.80 19.32
C TYR A 227 -12.96 -7.75 19.17
N ASP A 228 -12.55 -6.48 19.09
CA ASP A 228 -13.45 -5.35 18.90
C ASP A 228 -13.68 -5.07 17.40
N ILE A 229 -12.61 -5.21 16.62
CA ILE A 229 -12.61 -5.00 15.16
C ILE A 229 -11.73 -6.08 14.54
N ILE A 230 -12.17 -6.64 13.41
CA ILE A 230 -11.40 -7.64 12.67
C ILE A 230 -11.23 -7.15 11.24
N THR A 231 -10.12 -7.48 10.60
CA THR A 231 -9.84 -6.98 9.27
C THR A 231 -9.88 -8.06 8.19
N THR A 232 -9.78 -7.60 6.92
CA THR A 232 -9.53 -8.38 5.71
C THR A 232 -10.51 -9.55 5.52
N LEU A 233 -11.81 -9.24 5.59
CA LEU A 233 -12.83 -10.26 5.37
C LEU A 233 -13.27 -10.24 3.90
N THR A 234 -14.15 -11.16 3.51
CA THR A 234 -14.67 -11.17 2.14
C THR A 234 -16.15 -10.82 2.19
N PRO A 235 -16.76 -10.31 1.08
CA PRO A 235 -18.21 -10.05 1.08
C PRO A 235 -19.08 -11.29 1.40
N ASP A 236 -18.47 -12.48 1.39
CA ASP A 236 -19.12 -13.75 1.70
C ASP A 236 -19.37 -13.92 3.21
N ASP A 237 -18.75 -13.04 4.05
CA ASP A 237 -18.89 -13.05 5.51
C ASP A 237 -19.93 -12.06 6.00
N ILE A 238 -20.36 -11.12 5.12
CA ILE A 238 -21.33 -10.07 5.42
C ILE A 238 -22.65 -10.62 6.03
N GLN A 239 -23.32 -11.58 5.37
CA GLN A 239 -24.61 -12.15 5.82
C GLN A 239 -24.56 -12.73 7.25
N LEU A 240 -23.54 -13.57 7.56
CA LEU A 240 -23.41 -14.18 8.88
C LEU A 240 -23.15 -13.15 9.99
N ILE A 241 -22.14 -12.27 9.81
CA ILE A 241 -21.79 -11.29 10.84
C ILE A 241 -22.99 -10.36 11.09
N ASN A 242 -23.60 -9.85 10.01
CA ASN A 242 -24.74 -8.95 10.12
C ASN A 242 -25.99 -9.62 10.72
N SER A 243 -26.00 -10.96 10.86
CA SER A 243 -27.12 -11.66 11.53
C SER A 243 -27.04 -11.52 13.07
N TYR A 244 -25.84 -11.15 13.60
CA TYR A 244 -25.62 -10.90 15.04
C TYR A 244 -25.99 -9.44 15.33
N PRO A 245 -27.05 -9.18 16.13
CA PRO A 245 -27.48 -7.79 16.39
C PRO A 245 -26.48 -6.84 17.02
N ASP A 246 -25.43 -7.35 17.65
CA ASP A 246 -24.41 -6.54 18.31
C ASP A 246 -23.13 -6.38 17.47
N LEU A 247 -23.12 -6.94 16.25
CA LEU A 247 -21.97 -6.87 15.33
C LEU A 247 -22.43 -6.33 13.98
N GLU A 248 -21.48 -5.84 13.18
CA GLU A 248 -21.80 -5.35 11.84
C GLU A 248 -20.55 -5.31 10.98
N THR A 249 -20.72 -5.28 9.67
CA THR A 249 -19.60 -5.17 8.77
C THR A 249 -19.52 -3.71 8.37
N ARG A 250 -18.30 -3.26 8.09
CA ARG A 250 -18.00 -1.91 7.65
C ARG A 250 -16.98 -2.09 6.53
N GLY A 251 -17.41 -1.76 5.33
CA GLY A 251 -16.57 -1.94 4.15
C GLY A 251 -16.52 -0.73 3.24
N THR A 252 -15.51 -0.71 2.38
CA THR A 252 -15.31 0.36 1.41
C THR A 252 -14.35 -0.09 0.31
N LEU A 253 -14.54 0.43 -0.90
CA LEU A 253 -13.59 0.19 -2.00
C LEU A 253 -12.32 1.01 -1.63
N ILE A 254 -11.16 0.39 -1.66
CA ILE A 254 -9.94 1.12 -1.30
C ILE A 254 -9.08 1.44 -2.53
N GLU A 255 -8.18 2.44 -2.40
CA GLU A 255 -7.27 2.87 -3.47
C GLU A 255 -6.06 1.93 -3.54
N ASN A 256 -6.33 0.70 -4.03
CA ASN A 256 -5.36 -0.38 -4.09
C ASN A 256 -5.85 -1.34 -5.13
N PHE A 257 -4.94 -2.05 -5.80
CA PHE A 257 -5.35 -3.13 -6.71
C PHE A 257 -4.63 -4.44 -6.38
N HIS A 258 -5.40 -5.55 -6.39
CA HIS A 258 -4.87 -6.90 -6.23
C HIS A 258 -4.38 -7.31 -7.62
N MET A 259 -3.32 -8.10 -7.66
CA MET A 259 -2.75 -8.55 -8.91
C MET A 259 -2.03 -9.87 -8.71
N PHE A 260 -1.57 -10.42 -9.83
CA PHE A 260 -0.60 -11.49 -9.81
C PHE A 260 0.55 -10.98 -10.68
N THR A 261 1.77 -11.43 -10.39
CA THR A 261 2.97 -11.00 -11.10
C THR A 261 3.92 -12.22 -11.31
N PHE A 262 5.03 -11.99 -12.00
CA PHE A 262 5.96 -13.04 -12.39
C PHE A 262 7.41 -12.77 -12.03
N ASN A 263 8.16 -13.86 -11.81
CA ASN A 263 9.59 -13.77 -11.65
C ASN A 263 10.09 -13.90 -13.08
N MET A 264 10.39 -12.76 -13.71
CA MET A 264 10.81 -12.73 -15.11
C MET A 264 12.31 -13.07 -15.29
N ASN A 265 12.97 -13.50 -14.19
CA ASN A 265 14.33 -14.05 -14.24
C ASN A 265 14.20 -15.55 -14.60
N GLN A 266 12.98 -16.15 -14.44
CA GLN A 266 12.72 -17.55 -14.79
C GLN A 266 12.53 -17.66 -16.29
N GLU A 267 13.15 -18.69 -16.92
CA GLU A 267 13.12 -18.94 -18.36
C GLU A 267 11.73 -18.82 -19.01
N VAL A 268 10.72 -19.48 -18.41
CA VAL A 268 9.34 -19.52 -18.89
C VAL A 268 8.68 -18.11 -18.95
N PHE A 269 9.16 -17.13 -18.16
CA PHE A 269 8.59 -15.77 -18.13
C PHE A 269 9.55 -14.66 -18.61
N LYS A 270 10.70 -15.02 -19.24
CA LYS A 270 11.64 -14.02 -19.77
C LYS A 270 10.96 -13.24 -20.92
N ASP A 271 10.21 -13.97 -21.76
CA ASP A 271 9.43 -13.44 -22.89
C ASP A 271 7.99 -13.08 -22.43
N LYS A 272 7.34 -12.17 -23.16
CA LYS A 272 5.99 -11.71 -22.85
C LYS A 272 4.84 -12.66 -23.26
N LYS A 273 5.08 -13.63 -24.18
CA LYS A 273 4.03 -14.51 -24.75
C LYS A 273 3.20 -15.29 -23.72
N LEU A 274 3.82 -16.02 -22.77
CA LEU A 274 3.07 -16.77 -21.75
C LEU A 274 2.49 -15.85 -20.68
N ARG A 275 3.17 -14.73 -20.36
CA ARG A 275 2.64 -13.74 -19.40
C ARG A 275 1.31 -13.22 -19.91
N ARG A 276 1.28 -12.86 -21.21
CA ARG A 276 0.14 -12.38 -21.97
C ARG A 276 -0.96 -13.44 -22.08
N ALA A 277 -0.61 -14.70 -22.39
CA ALA A 277 -1.54 -15.83 -22.47
C ALA A 277 -2.33 -15.96 -21.14
N LEU A 278 -1.61 -15.92 -19.99
CA LEU A 278 -2.21 -16.02 -18.65
C LEU A 278 -3.14 -14.84 -18.36
N ALA A 279 -2.74 -13.61 -18.77
CA ALA A 279 -3.51 -12.38 -18.62
C ALA A 279 -4.80 -12.44 -19.44
N LEU A 280 -4.71 -12.88 -20.71
CA LEU A 280 -5.85 -12.94 -21.62
C LEU A 280 -6.92 -13.96 -21.23
N ALA A 281 -6.56 -14.94 -20.39
CA ALA A 281 -7.48 -15.98 -19.94
C ALA A 281 -8.22 -15.68 -18.63
N VAL A 282 -7.86 -14.58 -17.92
CA VAL A 282 -8.49 -14.24 -16.65
C VAL A 282 -9.85 -13.59 -16.91
N ASN A 283 -10.93 -14.27 -16.47
CA ASN A 283 -12.29 -13.76 -16.58
C ASN A 283 -12.61 -13.00 -15.27
N ARG A 284 -12.20 -11.73 -15.22
CA ARG A 284 -12.38 -10.87 -14.04
C ARG A 284 -13.85 -10.72 -13.61
N PRO A 285 -14.82 -10.43 -14.53
CA PRO A 285 -16.22 -10.26 -14.08
C PRO A 285 -16.80 -11.48 -13.35
N ILE A 286 -16.41 -12.71 -13.75
CA ILE A 286 -16.92 -13.91 -13.10
C ILE A 286 -16.32 -14.09 -11.68
N MET A 287 -15.06 -13.68 -11.47
CA MET A 287 -14.40 -13.69 -10.16
C MET A 287 -15.07 -12.66 -9.24
N VAL A 288 -15.37 -11.46 -9.77
CA VAL A 288 -16.01 -10.38 -9.01
C VAL A 288 -17.43 -10.82 -8.56
N GLU A 289 -18.16 -11.53 -9.44
CA GLU A 289 -19.51 -12.02 -9.13
C GLU A 289 -19.45 -13.12 -8.05
N ALA A 290 -18.66 -14.17 -8.30
CA ALA A 290 -18.54 -15.33 -7.40
C ALA A 290 -17.93 -15.05 -6.04
N LEU A 291 -16.83 -14.30 -6.00
CA LEU A 291 -16.08 -14.09 -4.76
C LEU A 291 -16.31 -12.76 -4.07
N TRP A 292 -16.68 -11.72 -4.83
CA TRP A 292 -16.80 -10.39 -4.24
C TRP A 292 -18.22 -9.85 -4.15
N LYS A 293 -19.23 -10.67 -4.58
CA LYS A 293 -20.66 -10.31 -4.60
C LYS A 293 -20.84 -8.91 -5.29
N LYS A 294 -20.13 -8.71 -6.41
CA LYS A 294 -20.14 -7.48 -7.23
C LYS A 294 -19.46 -6.24 -6.56
N GLN A 295 -18.96 -6.36 -5.30
CA GLN A 295 -18.41 -5.21 -4.55
C GLN A 295 -17.03 -4.71 -5.04
N ALA A 296 -16.22 -5.60 -5.63
CA ALA A 296 -14.90 -5.25 -6.18
C ALA A 296 -15.07 -4.47 -7.50
N SER A 297 -14.08 -3.68 -7.88
CA SER A 297 -14.12 -2.84 -9.09
C SER A 297 -13.01 -3.23 -10.05
N ILE A 298 -13.33 -3.44 -11.33
CA ILE A 298 -12.32 -3.81 -12.34
C ILE A 298 -11.85 -2.54 -13.09
N PRO A 299 -10.59 -2.07 -12.89
CA PRO A 299 -10.16 -0.85 -13.62
C PRO A 299 -9.87 -1.06 -15.09
N ALA A 300 -9.96 0.02 -15.89
CA ALA A 300 -9.61 -0.02 -17.30
C ALA A 300 -8.09 0.22 -17.40
N GLY A 301 -7.35 -0.82 -17.02
CA GLY A 301 -5.89 -0.79 -17.03
C GLY A 301 -5.31 -0.20 -15.75
N PHE A 302 -4.04 0.22 -15.83
CA PHE A 302 -3.29 0.79 -14.70
C PHE A 302 -3.70 2.25 -14.61
N ASN A 303 -4.95 2.46 -14.18
CA ASN A 303 -5.66 3.72 -14.32
C ASN A 303 -6.79 3.79 -13.28
N PHE A 304 -6.68 4.76 -12.33
CA PHE A 304 -7.61 4.85 -11.19
C PHE A 304 -8.11 6.27 -10.95
N PRO A 305 -9.38 6.45 -10.49
CA PRO A 305 -9.92 7.81 -10.30
C PRO A 305 -9.11 8.72 -9.37
N ASN A 306 -8.44 8.15 -8.34
CA ASN A 306 -7.62 8.98 -7.43
C ASN A 306 -6.46 9.68 -8.17
N TYR A 307 -6.11 9.24 -9.42
CA TYR A 307 -5.08 9.90 -10.24
C TYR A 307 -5.50 11.35 -10.66
N GLY A 308 -6.80 11.67 -10.52
CA GLY A 308 -7.32 12.99 -10.83
C GLY A 308 -7.17 13.38 -12.29
N GLU A 309 -6.30 14.39 -12.56
CA GLU A 309 -6.06 14.91 -13.93
C GLU A 309 -5.41 13.86 -14.85
N THR A 310 -4.78 12.82 -14.27
CA THR A 310 -4.14 11.76 -15.08
C THR A 310 -4.93 10.44 -15.01
N PHE A 311 -6.21 10.54 -14.61
CA PHE A 311 -7.14 9.42 -14.69
C PHE A 311 -7.81 9.53 -16.08
N ASP A 312 -7.85 8.42 -16.84
CA ASP A 312 -8.54 8.44 -18.13
C ASP A 312 -9.86 7.67 -18.08
N PRO A 313 -10.99 8.39 -17.95
CA PRO A 313 -12.32 7.71 -17.90
C PRO A 313 -12.83 7.15 -19.23
N LYS A 314 -12.10 7.38 -20.33
CA LYS A 314 -12.48 6.93 -21.67
C LYS A 314 -11.77 5.61 -22.07
N ARG A 315 -10.87 5.09 -21.21
CA ARG A 315 -10.09 3.88 -21.48
C ARG A 315 -10.95 2.63 -21.61
N LYS A 316 -10.61 1.78 -22.57
CA LYS A 316 -11.32 0.51 -22.81
C LYS A 316 -10.94 -0.47 -21.70
N ALA A 317 -11.82 -1.45 -21.42
CA ALA A 317 -11.54 -2.50 -20.44
C ALA A 317 -10.30 -3.30 -20.89
N MET A 318 -9.60 -3.93 -19.93
CA MET A 318 -8.45 -4.80 -20.24
C MET A 318 -8.99 -6.02 -21.03
N GLU A 319 -8.21 -6.52 -21.98
CA GLU A 319 -8.62 -7.59 -22.88
C GLU A 319 -8.89 -8.95 -22.22
N TYR A 320 -9.91 -9.62 -22.70
CA TYR A 320 -10.28 -10.98 -22.30
C TYR A 320 -10.49 -11.72 -23.60
N ASN A 321 -9.58 -12.65 -23.90
CA ASN A 321 -9.60 -13.37 -25.18
C ASN A 321 -8.95 -14.75 -25.02
N VAL A 322 -9.80 -15.74 -24.69
CA VAL A 322 -9.43 -17.14 -24.48
C VAL A 322 -8.81 -17.75 -25.75
N GLU A 323 -9.38 -17.45 -26.94
CA GLU A 323 -8.89 -17.97 -28.22
C GLU A 323 -7.51 -17.43 -28.57
N GLU A 324 -7.23 -16.14 -28.26
CA GLU A 324 -5.92 -15.53 -28.48
C GLU A 324 -4.94 -16.12 -27.44
N ALA A 325 -5.40 -16.33 -26.18
CA ALA A 325 -4.59 -16.91 -25.10
C ALA A 325 -4.08 -18.32 -25.50
N LYS A 326 -4.98 -19.20 -26.03
CA LYS A 326 -4.62 -20.55 -26.50
C LYS A 326 -3.51 -20.49 -27.57
N ARG A 327 -3.63 -19.53 -28.51
CA ARG A 327 -2.67 -19.35 -29.60
C ARG A 327 -1.31 -18.86 -29.10
N LEU A 328 -1.29 -18.05 -28.02
CA LEU A 328 -0.07 -17.55 -27.40
C LEU A 328 0.66 -18.66 -26.65
N VAL A 329 -0.10 -19.58 -26.00
CA VAL A 329 0.42 -20.74 -25.26
C VAL A 329 1.24 -21.63 -26.24
N LYS A 330 0.67 -21.87 -27.44
CA LYS A 330 1.30 -22.68 -28.49
C LYS A 330 2.58 -22.02 -29.00
N GLU A 331 2.52 -20.72 -29.36
CA GLU A 331 3.65 -19.92 -29.86
C GLU A 331 4.78 -19.74 -28.83
N SER A 332 4.46 -19.78 -27.51
CA SER A 332 5.44 -19.61 -26.44
C SER A 332 6.39 -20.80 -26.31
N GLY A 333 5.97 -21.95 -26.81
CA GLY A 333 6.75 -23.19 -26.74
C GLY A 333 6.52 -23.96 -25.45
N TYR A 334 5.59 -23.45 -24.58
CA TYR A 334 5.22 -24.06 -23.29
C TYR A 334 4.87 -25.54 -23.46
N ASP A 335 5.56 -26.42 -22.70
CA ASP A 335 5.47 -27.88 -22.81
C ASP A 335 4.45 -28.60 -21.90
N GLY A 336 3.82 -27.89 -20.97
CA GLY A 336 2.85 -28.52 -20.07
C GLY A 336 3.30 -28.68 -18.63
N THR A 337 4.59 -28.35 -18.36
CA THR A 337 5.22 -28.40 -17.03
C THR A 337 4.45 -27.51 -16.02
N PRO A 338 4.09 -28.03 -14.82
CA PRO A 338 3.36 -27.20 -13.85
C PRO A 338 4.13 -25.99 -13.37
N ILE A 339 3.46 -24.84 -13.38
CA ILE A 339 4.03 -23.55 -12.95
C ILE A 339 3.47 -23.23 -11.56
N THR A 340 4.36 -22.89 -10.62
CA THR A 340 3.94 -22.58 -9.26
C THR A 340 3.43 -21.14 -9.12
N TYR A 341 2.50 -20.97 -8.17
CA TYR A 341 1.92 -19.68 -7.81
C TYR A 341 1.94 -19.57 -6.28
N HIS A 342 2.86 -18.74 -5.75
CA HIS A 342 3.04 -18.50 -4.32
C HIS A 342 2.06 -17.49 -3.71
N THR A 343 1.43 -17.89 -2.60
CA THR A 343 0.48 -17.10 -1.81
C THR A 343 0.71 -17.31 -0.31
N MET A 344 0.64 -16.21 0.46
CA MET A 344 0.79 -16.26 1.92
C MET A 344 -0.61 -16.53 2.53
N GLY A 345 -1.18 -17.70 2.22
CA GLY A 345 -2.54 -18.04 2.63
C GLY A 345 -3.51 -16.96 2.14
N ASN A 346 -4.40 -16.48 3.04
CA ASN A 346 -5.35 -15.42 2.68
C ASN A 346 -4.97 -14.05 3.26
N TYR A 347 -3.67 -13.72 3.19
CA TYR A 347 -3.12 -12.39 3.55
C TYR A 347 -3.91 -11.37 2.75
N TYR A 348 -4.15 -11.66 1.47
CA TYR A 348 -5.02 -10.85 0.61
C TYR A 348 -6.41 -11.52 0.69
N ALA A 349 -7.44 -10.73 0.97
CA ALA A 349 -8.82 -11.20 0.97
C ALA A 349 -9.08 -11.89 -0.39
N ASN A 350 -9.61 -13.11 -0.36
CA ASN A 350 -9.94 -13.95 -1.52
C ASN A 350 -8.72 -14.47 -2.32
N ALA A 351 -7.47 -14.40 -1.77
CA ALA A 351 -6.27 -14.85 -2.50
C ALA A 351 -6.36 -16.30 -3.01
N MET A 352 -6.63 -17.26 -2.09
CA MET A 352 -6.72 -18.68 -2.46
C MET A 352 -8.01 -18.98 -3.28
N PRO A 353 -9.23 -18.49 -2.93
CA PRO A 353 -10.39 -18.74 -3.83
C PRO A 353 -10.18 -18.11 -5.24
N ALA A 354 -9.55 -16.91 -5.33
CA ALA A 354 -9.25 -16.29 -6.65
C ALA A 354 -8.28 -17.18 -7.43
N LEU A 355 -7.22 -17.66 -6.76
CA LEU A 355 -6.25 -18.53 -7.40
C LEU A 355 -6.90 -19.82 -7.91
N MET A 356 -7.78 -20.45 -7.10
CA MET A 356 -8.47 -21.69 -7.48
C MET A 356 -9.27 -21.52 -8.76
N MET A 357 -9.97 -20.39 -8.89
CA MET A 357 -10.74 -20.04 -10.09
C MET A 357 -9.80 -19.83 -11.27
N MET A 358 -8.68 -19.10 -11.05
CA MET A 358 -7.73 -18.83 -12.13
C MET A 358 -7.02 -20.09 -12.64
N ILE A 359 -6.71 -21.04 -11.73
CA ILE A 359 -6.12 -22.34 -12.06
C ILE A 359 -7.03 -23.06 -13.08
N GLU A 360 -8.37 -23.00 -12.85
CA GLU A 360 -9.39 -23.60 -13.72
C GLU A 360 -9.41 -22.91 -15.10
N MET A 361 -9.36 -21.55 -15.13
CA MET A 361 -9.32 -20.76 -16.38
C MET A 361 -8.07 -21.09 -17.20
N TRP A 362 -6.93 -21.28 -16.51
CA TRP A 362 -5.66 -21.60 -17.13
C TRP A 362 -5.63 -23.06 -17.64
N LYS A 363 -6.36 -24.00 -16.99
CA LYS A 363 -6.46 -25.40 -17.45
C LYS A 363 -7.11 -25.42 -18.85
N GLN A 364 -8.10 -24.52 -19.07
CA GLN A 364 -8.85 -24.39 -20.32
C GLN A 364 -8.03 -23.81 -21.48
N ILE A 365 -6.85 -23.20 -21.21
CA ILE A 365 -5.96 -22.67 -22.26
C ILE A 365 -4.71 -23.56 -22.46
N GLY A 366 -4.60 -24.61 -21.65
CA GLY A 366 -3.50 -25.58 -21.72
C GLY A 366 -2.31 -25.29 -20.82
N VAL A 367 -2.52 -24.50 -19.75
CA VAL A 367 -1.42 -24.19 -18.81
C VAL A 367 -1.76 -24.77 -17.45
N ASN A 368 -0.82 -25.54 -16.87
N ASN A 368 -0.83 -25.52 -16.86
CA ASN A 368 -0.97 -26.16 -15.54
CA ASN A 368 -1.06 -26.12 -15.55
C ASN A 368 -0.35 -25.24 -14.49
C ASN A 368 -0.37 -25.32 -14.47
N VAL A 369 -1.19 -24.73 -13.57
CA VAL A 369 -0.73 -23.86 -12.48
C VAL A 369 -1.05 -24.53 -11.15
N VAL A 370 -0.09 -24.56 -10.24
CA VAL A 370 -0.23 -25.16 -8.90
C VAL A 370 0.03 -24.16 -7.78
N MET A 371 -0.77 -24.25 -6.70
CA MET A 371 -0.65 -23.35 -5.55
C MET A 371 0.49 -23.76 -4.61
N LYS A 372 1.25 -22.77 -4.17
CA LYS A 372 2.28 -22.96 -3.16
C LYS A 372 2.04 -21.94 -2.05
N THR A 373 1.79 -22.43 -0.82
CA THR A 373 1.55 -21.54 0.31
C THR A 373 2.82 -21.37 1.11
N TYR A 374 2.93 -20.23 1.80
CA TYR A 374 4.07 -19.92 2.64
C TYR A 374 3.63 -19.13 3.88
N ALA A 375 4.20 -19.48 5.03
CA ALA A 375 3.90 -18.90 6.33
C ALA A 375 4.30 -17.41 6.42
N PRO A 376 3.65 -16.59 7.29
CA PRO A 376 4.05 -15.18 7.44
C PRO A 376 5.54 -14.98 7.71
N GLY A 377 6.15 -14.09 6.94
CA GLY A 377 7.57 -13.77 7.02
C GLY A 377 8.51 -14.85 6.50
N SER A 378 7.94 -15.88 5.83
CA SER A 378 8.72 -16.99 5.27
C SER A 378 8.65 -17.01 3.73
N PHE A 379 8.67 -15.80 3.10
CA PHE A 379 8.67 -15.68 1.64
C PHE A 379 9.89 -16.43 1.09
N PRO A 380 9.67 -17.39 0.16
CA PRO A 380 10.79 -18.20 -0.35
C PRO A 380 11.80 -17.42 -1.19
N PRO A 381 13.00 -17.97 -1.47
CA PRO A 381 13.97 -17.23 -2.29
C PRO A 381 13.40 -16.93 -3.67
N ASP A 382 13.82 -15.81 -4.25
CA ASP A 382 13.32 -15.33 -5.53
C ASP A 382 13.36 -16.41 -6.63
N ASN A 383 14.49 -17.13 -6.78
CA ASN A 383 14.63 -18.19 -7.80
C ASN A 383 13.79 -19.46 -7.54
N GLN A 384 13.05 -19.50 -6.42
CA GLN A 384 12.13 -20.59 -6.07
C GLN A 384 10.69 -20.19 -6.43
N THR A 385 10.50 -18.95 -6.90
CA THR A 385 9.18 -18.42 -7.27
C THR A 385 9.04 -18.19 -8.77
N TRP A 386 7.84 -18.47 -9.30
CA TRP A 386 7.48 -18.26 -10.70
C TRP A 386 6.37 -17.18 -10.67
N MET A 387 5.11 -17.59 -10.47
CA MET A 387 4.00 -16.63 -10.32
C MET A 387 3.78 -16.38 -8.83
N ARG A 388 3.27 -15.21 -8.48
CA ARG A 388 2.95 -14.85 -7.10
C ARG A 388 1.89 -13.76 -7.10
N ASN A 389 1.09 -13.67 -6.04
CA ASN A 389 0.12 -12.58 -5.96
C ASN A 389 0.79 -11.38 -5.27
N TRP A 390 0.20 -10.18 -5.42
CA TRP A 390 0.71 -8.94 -4.85
C TRP A 390 -0.42 -7.91 -4.88
N SER A 391 -0.16 -6.75 -4.32
CA SER A 391 -1.08 -5.64 -4.37
C SER A 391 -0.25 -4.36 -4.42
N ASN A 392 -0.87 -3.25 -4.86
CA ASN A 392 -0.29 -1.91 -4.94
C ASN A 392 -1.27 -0.88 -4.48
N GLY A 393 -0.93 -0.19 -3.40
CA GLY A 393 -1.69 0.94 -2.90
C GLY A 393 -1.37 2.14 -3.78
N GLN A 394 -2.40 2.80 -4.35
CA GLN A 394 -2.24 3.97 -5.23
C GLN A 394 -2.10 5.19 -4.32
N TRP A 395 -0.86 5.42 -3.85
CA TRP A 395 -0.54 6.36 -2.77
C TRP A 395 -0.32 7.86 -3.16
N MET A 396 -0.63 8.25 -4.41
CA MET A 396 -0.57 9.68 -4.83
C MET A 396 -1.87 10.10 -5.52
N THR A 397 -2.19 11.42 -5.50
CA THR A 397 -3.32 11.98 -6.25
C THR A 397 -2.81 12.27 -7.67
N ASP A 398 -2.12 11.27 -8.28
CA ASP A 398 -1.48 11.39 -9.59
C ASP A 398 -1.15 9.99 -10.12
N ALA A 399 -1.13 9.82 -11.46
CA ALA A 399 -0.77 8.54 -12.10
C ALA A 399 0.71 8.08 -11.88
N TYR A 400 1.61 8.97 -11.40
CA TYR A 400 3.03 8.59 -11.16
C TYR A 400 3.11 7.29 -10.35
N ALA A 401 2.35 7.20 -9.25
CA ALA A 401 2.31 6.02 -8.37
C ALA A 401 1.09 5.14 -8.78
N THR A 402 1.28 3.81 -8.92
CA THR A 402 2.52 3.09 -8.64
C THR A 402 3.25 2.62 -9.89
N ILE A 403 2.78 2.99 -11.08
CA ILE A 403 3.42 2.54 -12.32
C ILE A 403 4.93 2.90 -12.35
N VAL A 404 5.30 4.15 -12.01
CA VAL A 404 6.71 4.55 -12.06
C VAL A 404 7.50 3.96 -10.86
N PRO A 405 7.12 4.17 -9.57
CA PRO A 405 7.95 3.61 -8.49
C PRO A 405 8.13 2.09 -8.51
N GLU A 406 7.08 1.32 -8.91
CA GLU A 406 7.19 -0.14 -8.94
C GLU A 406 7.71 -0.72 -10.26
N PHE A 407 7.18 -0.22 -11.40
CA PHE A 407 7.49 -0.78 -12.72
C PHE A 407 8.42 0.04 -13.59
N GLY A 408 8.90 1.19 -13.08
CA GLY A 408 9.81 2.08 -13.79
C GLY A 408 11.24 1.56 -13.92
N PRO A 409 12.12 2.27 -14.67
CA PRO A 409 13.51 1.80 -14.86
C PRO A 409 14.32 1.61 -13.58
N ASN A 410 14.01 2.40 -12.53
CA ASN A 410 14.72 2.33 -11.24
C ASN A 410 14.04 1.42 -10.21
N GLY A 411 12.90 0.84 -10.62
CA GLY A 411 12.07 -0.01 -9.78
C GLY A 411 12.45 -1.46 -9.63
N GLN A 412 11.87 -2.10 -8.60
CA GLN A 412 12.11 -3.50 -8.24
C GLN A 412 11.57 -4.53 -9.26
N VAL A 413 10.51 -4.20 -10.05
CA VAL A 413 9.97 -5.17 -11.04
C VAL A 413 10.99 -5.42 -12.20
N GLN A 414 11.66 -4.35 -12.66
CA GLN A 414 12.69 -4.48 -13.67
C GLN A 414 14.02 -4.93 -13.05
N LYS A 415 14.45 -4.31 -11.92
CA LYS A 415 15.74 -4.59 -11.30
C LYS A 415 15.81 -5.93 -10.55
N ARG A 416 14.89 -6.18 -9.62
CA ARG A 416 14.91 -7.42 -8.84
C ARG A 416 14.22 -8.58 -9.58
N TRP A 417 13.02 -8.34 -10.14
CA TRP A 417 12.21 -9.38 -10.77
C TRP A 417 12.45 -9.56 -12.28
N GLY A 418 13.40 -8.80 -12.82
CA GLY A 418 13.89 -8.99 -14.19
C GLY A 418 13.04 -8.65 -15.39
N TRP A 419 12.05 -7.75 -15.25
CA TRP A 419 11.25 -7.35 -16.42
C TRP A 419 12.15 -6.56 -17.37
N LYS A 420 12.29 -7.03 -18.63
CA LYS A 420 13.09 -6.32 -19.62
C LYS A 420 12.11 -5.39 -20.33
N ALA A 421 11.84 -4.23 -19.70
CA ALA A 421 10.87 -3.28 -20.24
C ALA A 421 11.34 -2.68 -21.58
N PRO A 422 10.42 -2.44 -22.54
CA PRO A 422 10.84 -1.79 -23.81
C PRO A 422 11.40 -0.40 -23.49
N ALA A 423 12.44 0.01 -24.23
CA ALA A 423 13.14 1.30 -24.08
C ALA A 423 12.14 2.46 -24.04
N GLU A 424 11.11 2.42 -24.91
CA GLU A 424 10.04 3.43 -24.99
C GLU A 424 9.35 3.62 -23.63
N PHE A 425 9.04 2.51 -22.92
CA PHE A 425 8.38 2.55 -21.61
C PHE A 425 9.21 3.38 -20.61
N ASN A 426 10.53 3.08 -20.51
CA ASN A 426 11.39 3.80 -19.58
C ASN A 426 11.59 5.29 -19.97
N GLU A 427 11.58 5.59 -21.28
CA GLU A 427 11.70 6.98 -21.78
C GLU A 427 10.46 7.77 -21.31
N LEU A 428 9.27 7.15 -21.44
CA LEU A 428 8.02 7.76 -21.00
C LEU A 428 8.00 7.98 -19.50
N CYS A 429 8.52 7.00 -18.70
CA CYS A 429 8.63 7.08 -17.23
C CYS A 429 9.44 8.34 -16.84
N GLN A 430 10.58 8.55 -17.50
CA GLN A 430 11.45 9.70 -17.25
C GLN A 430 10.73 11.01 -17.59
N LYS A 431 9.97 11.02 -18.70
CA LYS A 431 9.22 12.20 -19.14
C LYS A 431 8.08 12.60 -18.16
N VAL A 432 7.21 11.64 -17.77
CA VAL A 432 6.10 11.93 -16.84
C VAL A 432 6.58 12.43 -15.47
N THR A 433 7.78 12.01 -15.05
CA THR A 433 8.36 12.42 -13.76
C THR A 433 8.52 13.95 -13.67
N VAL A 434 9.03 14.59 -14.73
CA VAL A 434 9.37 16.02 -14.78
C VAL A 434 8.30 16.92 -15.43
N LEU A 435 7.43 16.35 -16.31
CA LEU A 435 6.43 17.17 -17.00
C LEU A 435 5.32 17.71 -16.09
N PRO A 436 4.79 18.92 -16.37
CA PRO A 436 3.60 19.37 -15.63
C PRO A 436 2.36 18.70 -16.27
N ASN A 437 1.19 18.77 -15.61
CA ASN A 437 -0.05 18.23 -16.18
C ASN A 437 -0.44 18.97 -17.45
N GLY A 438 -0.83 18.20 -18.45
CA GLY A 438 -1.22 18.67 -19.77
C GLY A 438 -1.41 17.50 -20.70
N LYS A 439 -1.67 17.79 -21.99
CA LYS A 439 -1.91 16.76 -23.01
C LYS A 439 -0.73 15.81 -23.20
N GLU A 440 0.50 16.35 -23.21
CA GLU A 440 1.69 15.52 -23.39
C GLU A 440 1.81 14.47 -22.29
N ARG A 441 1.69 14.90 -21.02
CA ARG A 441 1.79 14.00 -19.86
C ARG A 441 0.63 12.98 -19.84
N PHE A 442 -0.59 13.43 -20.13
CA PHE A 442 -1.80 12.58 -20.16
C PHE A 442 -1.61 11.45 -21.19
N ASP A 443 -1.17 11.80 -22.41
CA ASP A 443 -0.93 10.85 -23.51
C ASP A 443 0.22 9.87 -23.20
N ALA A 444 1.29 10.34 -22.51
CA ALA A 444 2.43 9.51 -22.11
C ALA A 444 1.97 8.41 -21.13
N TYR A 445 1.10 8.73 -20.15
CA TYR A 445 0.59 7.70 -19.21
C TYR A 445 -0.30 6.68 -19.95
N ASN A 446 -1.08 7.12 -20.96
CA ASN A 446 -1.90 6.19 -21.73
C ASN A 446 -1.05 5.24 -22.58
N ARG A 447 0.07 5.75 -23.13
CA ARG A 447 1.00 4.91 -23.89
C ARG A 447 1.69 3.90 -22.95
N MET A 448 2.10 4.34 -21.73
CA MET A 448 2.70 3.49 -20.69
C MET A 448 1.70 2.37 -20.29
N ARG A 449 0.39 2.74 -20.14
CA ARG A 449 -0.67 1.77 -19.82
C ARG A 449 -0.80 0.74 -20.94
N ASP A 450 -0.74 1.19 -22.22
CA ASP A 450 -0.81 0.30 -23.37
C ASP A 450 0.35 -0.71 -23.38
N ILE A 451 1.60 -0.23 -23.14
CA ILE A 451 2.78 -1.09 -23.12
C ILE A 451 2.66 -2.08 -21.95
N PHE A 452 2.20 -1.61 -20.79
CA PHE A 452 1.98 -2.43 -19.59
C PHE A 452 1.07 -3.65 -19.89
N GLU A 453 -0.01 -3.42 -20.68
CA GLU A 453 -0.95 -4.49 -21.06
C GLU A 453 -0.34 -5.41 -22.12
N GLU A 454 0.39 -4.84 -23.08
CA GLU A 454 1.10 -5.59 -24.15
C GLU A 454 2.16 -6.52 -23.55
N GLU A 455 2.89 -6.04 -22.53
CA GLU A 455 4.02 -6.73 -21.90
C GLU A 455 3.64 -7.69 -20.77
N ALA A 456 2.55 -7.38 -20.06
CA ALA A 456 2.04 -8.12 -18.90
C ALA A 456 3.15 -8.44 -17.84
N PRO A 457 3.98 -7.46 -17.32
CA PRO A 457 4.93 -7.81 -16.24
C PRO A 457 4.17 -8.14 -14.95
N ALA A 458 2.93 -7.65 -14.85
CA ALA A 458 1.95 -7.98 -13.80
C ALA A 458 0.57 -7.97 -14.44
N VAL A 459 -0.38 -8.67 -13.83
CA VAL A 459 -1.75 -8.69 -14.34
C VAL A 459 -2.66 -8.15 -13.26
N ILE A 460 -3.30 -7.01 -13.55
CA ILE A 460 -4.22 -6.36 -12.63
C ILE A 460 -5.53 -7.17 -12.55
N LEU A 461 -5.97 -7.51 -11.33
CA LEU A 461 -7.23 -8.22 -11.15
C LEU A 461 -8.40 -7.26 -10.93
N TYR A 462 -8.35 -6.51 -9.83
CA TYR A 462 -9.42 -5.61 -9.43
C TYR A 462 -9.00 -4.82 -8.18
N GLN A 463 -9.80 -3.78 -7.86
CA GLN A 463 -9.70 -3.01 -6.62
C GLN A 463 -10.54 -3.81 -5.62
N PRO A 464 -9.96 -4.27 -4.50
CA PRO A 464 -10.77 -5.04 -3.54
C PRO A 464 -11.75 -4.15 -2.77
N TYR A 465 -12.84 -4.74 -2.31
CA TYR A 465 -13.78 -4.06 -1.42
C TYR A 465 -13.30 -4.53 -0.04
N ASP A 466 -12.62 -3.63 0.68
CA ASP A 466 -12.01 -3.90 1.99
C ASP A 466 -13.11 -4.05 3.03
N VAL A 467 -13.27 -5.26 3.60
CA VAL A 467 -14.34 -5.53 4.57
C VAL A 467 -13.78 -5.74 5.97
N TYR A 468 -14.28 -4.96 6.92
CA TYR A 468 -13.97 -5.12 8.33
C TYR A 468 -15.27 -5.55 9.01
N ALA A 469 -15.18 -6.08 10.21
CA ALA A 469 -16.34 -6.39 11.02
C ALA A 469 -16.05 -5.88 12.42
N ALA A 470 -17.06 -5.25 13.04
CA ALA A 470 -16.86 -4.66 14.35
C ALA A 470 -18.04 -4.80 15.26
N ARG A 471 -17.78 -4.60 16.56
CA ARG A 471 -18.80 -4.54 17.58
C ARG A 471 -19.52 -3.21 17.32
N LYS A 472 -20.86 -3.21 17.40
CA LYS A 472 -21.67 -2.00 17.22
C LYS A 472 -21.35 -0.92 18.28
N ASP A 473 -20.88 -1.33 19.49
CA ASP A 473 -20.50 -0.40 20.56
C ASP A 473 -19.06 0.19 20.37
N VAL A 474 -18.36 -0.16 19.26
CA VAL A 474 -17.03 0.38 18.89
C VAL A 474 -17.27 1.25 17.65
N HIS A 475 -17.31 2.57 17.82
CA HIS A 475 -17.58 3.51 16.73
C HIS A 475 -16.30 3.88 15.99
N TRP A 476 -16.19 3.39 14.74
CA TRP A 476 -15.04 3.59 13.87
C TRP A 476 -15.43 3.43 12.40
N LYS A 477 -15.02 4.38 11.55
CA LYS A 477 -15.32 4.29 10.13
C LYS A 477 -14.08 3.97 9.30
N PRO A 478 -14.20 3.03 8.32
CA PRO A 478 -13.06 2.75 7.43
C PRO A 478 -12.81 3.93 6.47
N VAL A 479 -11.58 4.01 5.95
CA VAL A 479 -11.16 5.01 4.97
C VAL A 479 -10.86 4.28 3.64
N SER A 480 -10.84 5.02 2.50
CA SER A 480 -10.61 4.41 1.19
C SER A 480 -9.11 4.12 0.90
N PHE A 481 -8.36 3.64 1.90
CA PHE A 481 -6.93 3.36 1.77
C PHE A 481 -6.61 2.20 2.74
N GLU A 482 -5.50 1.50 2.50
CA GLU A 482 -5.07 0.34 3.29
C GLU A 482 -4.47 0.71 4.66
N MET A 483 -5.28 1.36 5.49
CA MET A 483 -4.88 1.82 6.82
C MET A 483 -6.12 2.00 7.68
N MET A 484 -5.93 2.15 8.99
CA MET A 484 -7.02 2.47 9.90
C MET A 484 -6.72 3.81 10.54
N GLU A 485 -7.72 4.72 10.51
CA GLU A 485 -7.62 6.06 11.09
C GLU A 485 -8.47 6.10 12.37
N PHE A 486 -7.86 6.48 13.50
CA PHE A 486 -8.56 6.59 14.78
C PHE A 486 -8.71 8.06 15.27
N ARG A 487 -7.94 9.03 14.69
CA ARG A 487 -8.02 10.46 15.08
C ARG A 487 -9.45 10.98 14.76
N ASN A 488 -10.17 11.47 15.80
CA ASN A 488 -11.57 11.90 15.73
C ASN A 488 -12.47 10.81 15.03
N ASN A 489 -12.07 9.54 15.17
CA ASN A 489 -12.72 8.40 14.50
C ASN A 489 -12.62 7.11 15.33
N LEU A 490 -12.75 7.25 16.65
CA LEU A 490 -12.77 6.11 17.57
C LEU A 490 -13.41 6.51 18.88
N SER A 491 -14.54 5.88 19.22
CA SER A 491 -15.25 6.09 20.49
C SER A 491 -15.98 4.80 20.89
N PHE A 492 -16.23 4.64 22.19
CA PHE A 492 -16.85 3.45 22.76
C PHE A 492 -18.19 3.75 23.43
N GLY A 493 -19.09 2.76 23.35
CA GLY A 493 -20.43 2.82 23.95
C GLY A 493 -21.46 3.51 23.08
C6 H6Q B . 2.79 0.35 -3.18
C3 H6Q B . 3.51 -2.94 -1.15
C4 H6Q B . 3.74 -1.87 -2.24
O2 H6Q B . 1.83 -4.15 0.11
C2A H6Q B . 3.47 -7.20 0.92
C2 H6Q B . 2.02 -3.36 -1.07
O1A H6Q B . 4.97 -6.70 2.77
C1A H6Q B . 4.81 -6.57 1.36
O2A H6Q B . 4.86 -5.19 1.01
C3A H6Q B . 3.72 -8.62 0.41
O3A H6Q B . 0.85 -6.00 1.36
P1 H6Q B . 1.44 -5.70 0.04
O4A H6Q B . 0.67 -6.01 -1.18
O5A H6Q B . 2.88 -6.43 -0.14
O3 H6Q B . 4.32 -4.12 -1.42
O4 H6Q B . 5.06 -1.36 -2.12
C5 H6Q B . 2.71 -0.70 -2.05
O6 H6Q B . 2.68 -0.28 -4.45
O5 H6Q B . 1.37 -1.22 -2.04
C1 H6Q B . 1.11 -2.13 -0.96
O1 H6Q B . -0.27 -2.51 -1.05
P1 H6Z C . 1.54 -5.73 0.06
C6 H6Z C . 2.89 0.33 -3.16
C3 H6Z C . 3.65 -2.92 -1.10
C4 H6Z C . 3.88 -1.84 -2.19
O2 H6Z C . 2.00 -4.20 0.08
C2A H6Z C . 3.56 -7.24 0.95
C2 H6Z C . 2.20 -3.45 -1.11
O1A H6Z C . 5.09 -6.78 2.80
C1A H6Z C . 4.90 -6.60 1.40
O2A H6Z C . 4.92 -5.21 1.09
C3A H6Z C . 3.81 -8.68 0.49
O3A H6Z C . 0.99 -5.97 1.41
O4A H6Z C . 0.71 -6.01 -1.12
O5A H6Z C . 2.96 -6.50 -0.13
O3 H6Z C . 4.56 -4.03 -1.30
O4 H6Z C . 5.17 -1.27 -1.99
C5 H6Z C . 2.79 -0.73 -2.06
O6 H6Z C . 2.69 -0.28 -4.44
O5 H6Z C . 1.47 -1.33 -2.14
C1 H6Z C . 1.15 -2.31 -1.13
O1 H6Z C . 1.10 -1.67 0.15
NA NA D . -9.43 10.92 18.71
#